data_5GY3
#
_entry.id   5GY3
#
_cell.length_a   53.570
_cell.length_b   73.256
_cell.length_c   79.200
_cell.angle_alpha   90.00
_cell.angle_beta   90.00
_cell.angle_gamma   90.00
#
_symmetry.space_group_name_H-M   'P 21 21 21'
#
loop_
_entity.id
_entity.type
_entity.pdbx_description
1 polymer Glucanase
2 water water
#
_entity_poly.entity_id   1
_entity_poly.type   'polypeptide(L)'
_entity_poly.pdbx_seq_one_letter_code
;DTAWERYKARFMMPDGRIIDTANGNVSHTEGQGFAMLLAVANNDRPAFDKLWQWTDSTLRDKSNGLFYWRYNPVAPDPIA
DKNNASDGDTLIAWALLRAQKQWQDKRYAIASDAITASLLKYTVVTFAGRQVMLPGVKGFNLNDHLNLNPSYFIFPAWRA
FAERTHLTAWRTLQTDGQALLGQMGWGKSHLPSDWVALRADGKMLPAKEWPPRMSFDAIRIPLYLSWADPQSALLAPWKA
WMQSYPRLQTPAWINVSTNEVAPWYMAGGLLAVRDLTLGEPQEAPQIDDKDDYYSASLKQLVWLAKQDQR
;
_entity_poly.pdbx_strand_id   A
#
# COMPACT_ATOMS: atom_id res chain seq x y z
N ASP A 1 -0.90 -20.49 7.81
CA ASP A 1 -1.08 -20.61 9.26
C ASP A 1 -2.52 -20.30 9.69
N THR A 2 -2.73 -20.20 11.01
CA THR A 2 -4.08 -19.98 11.50
C THR A 2 -4.57 -18.58 11.17
N ALA A 3 -3.71 -17.56 11.30
CA ALA A 3 -4.13 -16.20 10.98
C ALA A 3 -4.70 -16.10 9.57
N TRP A 4 -3.99 -16.71 8.61
CA TRP A 4 -4.43 -16.66 7.22
C TRP A 4 -5.75 -17.40 7.02
N GLU A 5 -5.91 -18.57 7.64
CA GLU A 5 -7.19 -19.28 7.54
C GLU A 5 -8.32 -18.44 8.13
N ARG A 6 -8.09 -17.82 9.28
CA ARG A 6 -9.13 -16.98 9.87
C ARG A 6 -9.43 -15.77 9.00
N TYR A 7 -8.40 -15.23 8.33
CA TYR A 7 -8.59 -14.09 7.43
C TYR A 7 -9.48 -14.48 6.25
N LYS A 8 -9.23 -15.64 5.65
CA LYS A 8 -10.07 -16.08 4.54
C LYS A 8 -11.50 -16.34 5.01
N ALA A 9 -11.64 -16.91 6.21
CA ALA A 9 -12.97 -17.25 6.72
C ALA A 9 -13.80 -15.99 6.93
N ARG A 10 -13.16 -14.91 7.38
CA ARG A 10 -13.90 -13.70 7.67
C ARG A 10 -14.04 -12.78 6.46
N PHE A 11 -13.05 -12.75 5.56
CA PHE A 11 -13.02 -11.72 4.54
C PHE A 11 -12.98 -12.20 3.10
N MET A 12 -12.75 -13.48 2.83
CA MET A 12 -12.68 -13.94 1.46
C MET A 12 -13.96 -14.68 1.06
N MET A 13 -14.59 -14.23 -0.03
CA MET A 13 -15.79 -14.85 -0.58
C MET A 13 -15.41 -15.99 -1.50
N PRO A 14 -16.31 -16.95 -1.70
CA PRO A 14 -15.97 -18.10 -2.57
C PRO A 14 -15.66 -17.71 -4.00
N ASP A 15 -16.15 -16.55 -4.47
CA ASP A 15 -15.83 -16.10 -5.82
C ASP A 15 -14.45 -15.44 -5.92
N GLY A 16 -13.71 -15.33 -4.82
CA GLY A 16 -12.40 -14.72 -4.82
C GLY A 16 -12.33 -13.27 -4.38
N ARG A 17 -13.46 -12.66 -4.01
CA ARG A 17 -13.46 -11.30 -3.47
C ARG A 17 -12.98 -11.27 -2.04
N ILE A 18 -12.18 -10.23 -1.71
CA ILE A 18 -11.88 -9.85 -0.33
C ILE A 18 -12.85 -8.74 0.05
N ILE A 19 -13.49 -8.88 1.20
CA ILE A 19 -14.60 -8.01 1.59
C ILE A 19 -14.13 -7.09 2.69
N ASP A 20 -14.23 -5.78 2.44
CA ASP A 20 -13.98 -4.74 3.45
C ASP A 20 -15.27 -4.62 4.26
N THR A 21 -15.41 -5.49 5.27
CA THR A 21 -16.68 -5.61 5.98
C THR A 21 -16.99 -4.39 6.84
N ALA A 22 -16.00 -3.55 7.12
CA ALA A 22 -16.24 -2.28 7.81
C ALA A 22 -16.61 -1.16 6.86
N ASN A 23 -16.37 -1.32 5.55
CA ASN A 23 -16.66 -0.27 4.58
C ASN A 23 -17.71 -0.71 3.58
N GLY A 24 -18.82 -1.24 4.07
CA GLY A 24 -19.91 -1.60 3.18
C GLY A 24 -19.67 -2.84 2.36
N ASN A 25 -18.75 -3.70 2.80
CA ASN A 25 -18.47 -4.99 2.16
C ASN A 25 -17.92 -4.84 0.75
N VAL A 26 -17.27 -3.71 0.45
CA VAL A 26 -16.76 -3.50 -0.90
C VAL A 26 -15.45 -4.26 -1.06
N SER A 27 -14.99 -4.37 -2.31
CA SER A 27 -13.69 -4.93 -2.64
C SER A 27 -12.89 -3.88 -3.40
N HIS A 28 -11.56 -3.98 -3.30
CA HIS A 28 -10.73 -3.03 -4.00
C HIS A 28 -9.39 -3.66 -4.33
N THR A 29 -8.63 -2.98 -5.18
CA THR A 29 -7.38 -3.58 -5.65
C THR A 29 -6.33 -3.65 -4.55
N GLU A 30 -6.37 -2.72 -3.58
CA GLU A 30 -5.55 -2.89 -2.39
C GLU A 30 -5.87 -4.20 -1.69
N GLY A 31 -7.16 -4.49 -1.49
CA GLY A 31 -7.54 -5.71 -0.80
C GLY A 31 -7.18 -6.97 -1.57
N GLN A 32 -7.45 -6.99 -2.88
CA GLN A 32 -7.04 -8.13 -3.68
C GLN A 32 -5.54 -8.30 -3.68
N GLY A 33 -4.79 -7.21 -3.84
CA GLY A 33 -3.33 -7.30 -3.87
C GLY A 33 -2.73 -7.74 -2.55
N PHE A 34 -3.21 -7.15 -1.44
CA PHE A 34 -2.79 -7.60 -0.12
C PHE A 34 -3.03 -9.09 0.04
N ALA A 35 -4.24 -9.54 -0.29
CA ALA A 35 -4.57 -10.95 -0.08
C ALA A 35 -3.75 -11.84 -1.00
N MET A 36 -3.52 -11.41 -2.24
CA MET A 36 -2.67 -12.20 -3.13
C MET A 36 -1.25 -12.33 -2.58
N LEU A 37 -0.70 -11.25 -2.02
CA LEU A 37 0.61 -11.34 -1.36
C LEU A 37 0.58 -12.34 -0.22
N LEU A 38 -0.45 -12.27 0.62
CA LEU A 38 -0.54 -13.17 1.77
C LEU A 38 -0.81 -14.61 1.33
N ALA A 39 -1.51 -14.81 0.21
CA ALA A 39 -1.71 -16.17 -0.29
C ALA A 39 -0.39 -16.79 -0.71
N VAL A 40 0.48 -16.02 -1.36
CA VAL A 40 1.82 -16.54 -1.70
C VAL A 40 2.59 -16.87 -0.43
N ALA A 41 2.56 -15.94 0.54
CA ALA A 41 3.32 -16.13 1.78
C ALA A 41 2.86 -17.36 2.55
N ASN A 42 1.59 -17.72 2.44
CA ASN A 42 1.07 -18.89 3.14
C ASN A 42 1.08 -20.13 2.25
N ASN A 43 1.67 -20.03 1.06
CA ASN A 43 1.78 -21.14 0.12
C ASN A 43 0.40 -21.73 -0.19
N ASP A 44 -0.53 -20.85 -0.55
CA ASP A 44 -1.93 -21.19 -0.77
C ASP A 44 -2.27 -20.87 -2.23
N ARG A 45 -1.85 -21.76 -3.13
CA ARG A 45 -2.06 -21.50 -4.55
C ARG A 45 -3.53 -21.51 -4.94
N PRO A 46 -4.37 -22.41 -4.41
CA PRO A 46 -5.81 -22.31 -4.75
C PRO A 46 -6.39 -20.95 -4.43
N ALA A 47 -6.12 -20.41 -3.24
CA ALA A 47 -6.64 -19.10 -2.88
C ALA A 47 -6.06 -18.02 -3.78
N PHE A 48 -4.74 -18.08 -4.04
CA PHE A 48 -4.13 -17.10 -4.94
C PHE A 48 -4.82 -17.09 -6.30
N ASP A 49 -5.03 -18.28 -6.88
CA ASP A 49 -5.64 -18.32 -8.21
C ASP A 49 -7.08 -17.81 -8.18
N LYS A 50 -7.82 -18.08 -7.09
CA LYS A 50 -9.17 -17.54 -6.96
C LYS A 50 -9.14 -16.02 -6.87
N LEU A 51 -8.26 -15.48 -6.03
CA LEU A 51 -8.15 -14.03 -5.86
C LEU A 51 -7.78 -13.36 -7.17
N TRP A 52 -6.78 -13.93 -7.86
CA TRP A 52 -6.30 -13.34 -9.10
C TRP A 52 -7.33 -13.48 -10.22
N GLN A 53 -7.97 -14.65 -10.31
CA GLN A 53 -8.99 -14.86 -11.34
C GLN A 53 -10.13 -13.86 -11.19
N TRP A 54 -10.59 -13.60 -9.97
CA TRP A 54 -11.66 -12.63 -9.81
C TRP A 54 -11.17 -11.23 -10.16
N THR A 55 -9.97 -10.87 -9.68
CA THR A 55 -9.43 -9.54 -9.96
C THR A 55 -9.30 -9.29 -11.45
N ASP A 56 -8.70 -10.25 -12.16
CA ASP A 56 -8.46 -10.06 -13.58
C ASP A 56 -9.77 -10.03 -14.35
N SER A 57 -10.65 -11.00 -14.11
CA SER A 57 -11.88 -11.05 -14.89
C SER A 57 -12.81 -9.89 -14.57
N THR A 58 -12.82 -9.41 -13.33
CA THR A 58 -13.79 -8.39 -12.94
C THR A 58 -13.27 -6.96 -13.09
N LEU A 59 -12.02 -6.71 -12.70
CA LEU A 59 -11.55 -5.35 -12.55
C LEU A 59 -10.57 -4.88 -13.62
N ARG A 60 -10.13 -5.74 -14.54
CA ARG A 60 -9.15 -5.29 -15.52
C ARG A 60 -9.70 -4.15 -16.36
N ASP A 61 -8.91 -3.07 -16.46
CA ASP A 61 -9.19 -1.98 -17.38
C ASP A 61 -8.46 -2.28 -18.70
N LYS A 62 -9.20 -2.68 -19.72
CA LYS A 62 -8.57 -3.13 -20.96
C LYS A 62 -7.94 -1.99 -21.75
N SER A 63 -8.29 -0.74 -21.45
CA SER A 63 -7.74 0.37 -22.21
C SER A 63 -6.27 0.62 -21.84
N ASN A 64 -5.86 0.26 -20.63
CA ASN A 64 -4.48 0.54 -20.24
C ASN A 64 -3.83 -0.61 -19.47
N GLY A 65 -4.50 -1.73 -19.26
CA GLY A 65 -3.90 -2.85 -18.56
C GLY A 65 -3.89 -2.76 -17.05
N LEU A 66 -4.42 -1.69 -16.46
CA LEU A 66 -4.48 -1.56 -15.02
C LEU A 66 -5.85 -2.07 -14.55
N PHE A 67 -6.29 -1.68 -13.36
CA PHE A 67 -7.49 -2.25 -12.78
C PHE A 67 -8.38 -1.16 -12.21
N TYR A 68 -9.68 -1.23 -12.51
CA TYR A 68 -10.65 -0.43 -11.76
C TYR A 68 -10.49 -0.70 -10.28
N TRP A 69 -10.43 0.37 -9.46
CA TRP A 69 -9.91 0.18 -8.11
C TRP A 69 -10.94 -0.35 -7.12
N ARG A 70 -12.24 -0.16 -7.37
CA ARG A 70 -13.25 -0.45 -6.35
C ARG A 70 -14.41 -1.23 -6.95
N TYR A 71 -14.94 -2.17 -6.16
CA TYR A 71 -16.07 -3.00 -6.55
C TYR A 71 -17.11 -2.94 -5.45
N ASN A 72 -18.29 -2.37 -5.75
CA ASN A 72 -19.37 -2.26 -4.78
C ASN A 72 -20.49 -3.21 -5.17
N PRO A 73 -20.65 -4.35 -4.48
CA PRO A 73 -21.60 -5.37 -4.95
C PRO A 73 -23.07 -4.96 -4.82
N VAL A 74 -23.40 -3.96 -4.00
CA VAL A 74 -24.79 -3.53 -3.88
C VAL A 74 -25.12 -2.38 -4.82
N ALA A 75 -24.13 -1.81 -5.50
CA ALA A 75 -24.37 -0.69 -6.39
C ALA A 75 -25.02 -1.16 -7.69
N PRO A 76 -25.86 -0.31 -8.30
CA PRO A 76 -26.42 -0.66 -9.62
C PRO A 76 -25.35 -1.00 -10.64
N ASP A 77 -24.28 -0.22 -10.67
CA ASP A 77 -23.07 -0.57 -11.40
C ASP A 77 -21.96 -0.79 -10.39
N PRO A 78 -21.51 -2.02 -10.17
CA PRO A 78 -20.53 -2.28 -9.10
C PRO A 78 -19.16 -1.68 -9.38
N ILE A 79 -18.88 -1.28 -10.62
CA ILE A 79 -17.62 -0.65 -10.97
C ILE A 79 -17.91 0.71 -11.56
N ALA A 80 -18.56 1.57 -10.77
CA ALA A 80 -18.92 2.90 -11.26
C ALA A 80 -17.69 3.76 -11.53
N ASP A 81 -16.74 3.79 -10.58
CA ASP A 81 -15.52 4.58 -10.75
C ASP A 81 -14.55 3.83 -11.65
N LYS A 82 -14.24 4.39 -12.81
CA LYS A 82 -13.41 3.75 -13.81
C LYS A 82 -11.93 4.08 -13.64
N ASN A 83 -11.53 4.69 -12.54
CA ASN A 83 -10.13 5.00 -12.31
C ASN A 83 -9.45 3.85 -11.59
N ASN A 84 -8.12 3.83 -11.67
CA ASN A 84 -7.31 2.85 -10.97
C ASN A 84 -6.78 3.46 -9.68
N ALA A 85 -6.18 2.61 -8.86
CA ALA A 85 -5.45 3.06 -7.68
C ALA A 85 -4.07 2.43 -7.79
N SER A 86 -3.05 3.27 -7.97
CA SER A 86 -1.75 2.75 -8.39
C SER A 86 -1.12 1.85 -7.35
N ASP A 87 -1.43 2.03 -6.06
CA ASP A 87 -0.89 1.10 -5.08
C ASP A 87 -1.52 -0.26 -5.22
N GLY A 88 -2.82 -0.32 -5.54
CA GLY A 88 -3.45 -1.62 -5.75
C GLY A 88 -2.89 -2.34 -6.95
N ASP A 89 -2.75 -1.64 -8.08
CA ASP A 89 -2.12 -2.24 -9.26
C ASP A 89 -0.72 -2.76 -8.93
N THR A 90 0.04 -1.99 -8.17
CA THR A 90 1.40 -2.39 -7.80
C THR A 90 1.38 -3.65 -6.95
N LEU A 91 0.49 -3.71 -5.95
CA LEU A 91 0.45 -4.85 -5.05
C LEU A 91 0.10 -6.13 -5.81
N ILE A 92 -0.84 -6.01 -6.75
CA ILE A 92 -1.23 -7.15 -7.59
C ILE A 92 -0.04 -7.61 -8.42
N ALA A 93 0.65 -6.68 -9.08
CA ALA A 93 1.78 -7.06 -9.91
C ALA A 93 2.90 -7.67 -9.08
N TRP A 94 3.09 -7.14 -7.88
CA TRP A 94 4.13 -7.64 -6.98
C TRP A 94 3.78 -9.05 -6.51
N ALA A 95 2.52 -9.27 -6.13
CA ALA A 95 2.09 -10.60 -5.72
C ALA A 95 2.30 -11.62 -6.85
N LEU A 96 2.01 -11.23 -8.09
CA LEU A 96 2.20 -12.13 -9.23
C LEU A 96 3.68 -12.47 -9.42
N LEU A 97 4.56 -11.47 -9.30
CA LEU A 97 5.99 -11.76 -9.37
C LEU A 97 6.40 -12.76 -8.30
N ARG A 98 5.92 -12.58 -7.07
CA ARG A 98 6.27 -13.49 -6.00
C ARG A 98 5.65 -14.87 -6.20
N ALA A 99 4.47 -14.92 -6.83
CA ALA A 99 3.85 -16.20 -7.13
C ALA A 99 4.69 -17.02 -8.11
N GLN A 100 5.30 -16.36 -9.10
CA GLN A 100 6.16 -17.09 -10.02
C GLN A 100 7.29 -17.78 -9.28
N LYS A 101 7.92 -17.08 -8.33
CA LYS A 101 9.03 -17.67 -7.60
C LYS A 101 8.54 -18.79 -6.71
N GLN A 102 7.42 -18.59 -6.03
CA GLN A 102 6.92 -19.57 -5.08
C GLN A 102 6.56 -20.88 -5.78
N TRP A 103 5.83 -20.80 -6.89
CA TRP A 103 5.29 -21.99 -7.53
C TRP A 103 5.97 -22.32 -8.85
N GLN A 104 7.00 -21.57 -9.23
CA GLN A 104 7.83 -21.87 -10.40
C GLN A 104 6.99 -21.95 -11.68
N ASP A 105 6.19 -20.91 -11.91
CA ASP A 105 5.30 -20.84 -13.06
C ASP A 105 5.46 -19.46 -13.69
N LYS A 106 6.10 -19.42 -14.88
CA LYS A 106 6.39 -18.17 -15.55
C LYS A 106 5.14 -17.39 -15.96
N ARG A 107 3.98 -18.05 -16.03
CA ARG A 107 2.76 -17.34 -16.42
C ARG A 107 2.43 -16.22 -15.43
N TYR A 108 2.70 -16.42 -14.15
CA TYR A 108 2.47 -15.34 -13.18
C TYR A 108 3.40 -14.16 -13.44
N ALA A 109 4.64 -14.43 -13.81
CA ALA A 109 5.59 -13.35 -14.09
C ALA A 109 5.25 -12.63 -15.39
N ILE A 110 4.75 -13.36 -16.39
CA ILE A 110 4.33 -12.71 -17.62
C ILE A 110 3.16 -11.77 -17.36
N ALA A 111 2.25 -12.17 -16.45
CA ALA A 111 1.15 -11.28 -16.08
C ALA A 111 1.68 -10.05 -15.34
N SER A 112 2.61 -10.25 -14.41
CA SER A 112 3.21 -9.13 -13.70
C SER A 112 3.83 -8.14 -14.65
N ASP A 113 4.60 -8.64 -15.63
CA ASP A 113 5.33 -7.76 -16.56
C ASP A 113 4.40 -6.80 -17.29
N ALA A 114 3.20 -7.27 -17.68
CA ALA A 114 2.27 -6.41 -18.37
C ALA A 114 1.81 -5.26 -17.49
N ILE A 115 1.54 -5.56 -16.21
CA ILE A 115 1.06 -4.55 -15.27
C ILE A 115 2.16 -3.56 -14.94
N THR A 116 3.40 -4.03 -14.71
CA THR A 116 4.46 -3.08 -14.40
C THR A 116 4.77 -2.20 -15.60
N ALA A 117 4.72 -2.74 -16.82
CA ALA A 117 4.88 -1.88 -17.99
C ALA A 117 3.75 -0.86 -18.08
N SER A 118 2.53 -1.27 -17.76
CA SER A 118 1.41 -0.34 -17.73
C SER A 118 1.58 0.73 -16.65
N LEU A 119 2.11 0.35 -15.49
CA LEU A 119 2.34 1.34 -14.45
C LEU A 119 3.32 2.42 -14.92
N LEU A 120 4.43 2.00 -15.53
CA LEU A 120 5.39 3.00 -16.01
C LEU A 120 4.78 3.87 -17.12
N LYS A 121 4.03 3.25 -18.03
CA LYS A 121 3.54 4.00 -19.18
C LYS A 121 2.46 5.01 -18.78
N TYR A 122 1.53 4.61 -17.91
CA TYR A 122 0.34 5.40 -17.65
C TYR A 122 0.30 6.13 -16.32
N THR A 123 1.09 5.71 -15.31
CA THR A 123 1.01 6.38 -14.00
C THR A 123 2.26 7.14 -13.61
N VAL A 124 3.37 6.94 -14.30
CA VAL A 124 4.63 7.59 -13.93
C VAL A 124 4.84 8.77 -14.86
N VAL A 125 5.07 9.95 -14.27
CA VAL A 125 5.27 11.16 -15.04
C VAL A 125 6.53 11.86 -14.56
N THR A 126 7.04 12.75 -15.41
CA THR A 126 8.14 13.64 -15.07
C THR A 126 7.56 14.93 -14.53
N PHE A 127 7.97 15.32 -13.31
CA PHE A 127 7.39 16.49 -12.66
C PHE A 127 8.35 16.98 -11.58
N ALA A 128 8.54 18.31 -11.50
CA ALA A 128 9.46 18.91 -10.53
C ALA A 128 10.85 18.26 -10.59
N GLY A 129 11.29 17.90 -11.79
CA GLY A 129 12.61 17.35 -11.97
C GLY A 129 12.79 15.90 -11.55
N ARG A 130 11.70 15.17 -11.31
CA ARG A 130 11.78 13.79 -10.85
C ARG A 130 10.73 12.94 -11.53
N GLN A 131 10.94 11.62 -11.49
CA GLN A 131 9.91 10.66 -11.88
C GLN A 131 9.03 10.40 -10.67
N VAL A 132 7.70 10.50 -10.86
CA VAL A 132 6.74 10.34 -9.78
C VAL A 132 5.59 9.45 -10.27
N MET A 133 5.09 8.60 -9.38
CA MET A 133 3.92 7.77 -9.66
C MET A 133 2.67 8.46 -9.14
N LEU A 134 1.74 8.74 -10.04
CA LEU A 134 0.45 9.31 -9.69
C LEU A 134 -0.40 8.29 -8.91
N PRO A 135 -1.31 8.76 -8.05
CA PRO A 135 -2.20 7.81 -7.35
C PRO A 135 -3.18 7.11 -8.29
N GLY A 136 -3.44 7.69 -9.45
CA GLY A 136 -4.31 7.09 -10.47
C GLY A 136 -4.08 7.80 -11.77
N VAL A 137 -4.50 7.16 -12.86
CA VAL A 137 -4.26 7.72 -14.19
C VAL A 137 -4.96 9.07 -14.35
N LYS A 138 -6.16 9.21 -13.81
CA LYS A 138 -6.91 10.46 -13.92
C LYS A 138 -7.20 11.05 -12.54
N GLY A 139 -7.32 12.38 -12.51
CA GLY A 139 -7.84 13.08 -11.34
C GLY A 139 -6.80 13.66 -10.41
N PHE A 140 -5.52 13.34 -10.60
CA PHE A 140 -4.49 13.79 -9.68
C PHE A 140 -3.47 14.71 -10.31
N ASN A 141 -3.56 14.94 -11.62
CA ASN A 141 -2.65 15.82 -12.32
C ASN A 141 -3.40 17.13 -12.45
N LEU A 142 -3.20 17.99 -11.48
CA LEU A 142 -3.62 19.37 -11.57
C LEU A 142 -2.48 20.05 -12.32
N ASN A 143 -2.73 21.23 -12.85
CA ASN A 143 -1.80 21.74 -13.84
C ASN A 143 -0.40 21.90 -13.27
N ASP A 144 -0.21 22.83 -12.34
CA ASP A 144 1.09 23.05 -11.74
C ASP A 144 1.27 22.32 -10.42
N HIS A 145 0.31 21.45 -10.04
CA HIS A 145 0.43 20.61 -8.86
C HIS A 145 0.06 19.19 -9.23
N LEU A 146 0.69 18.23 -8.56
CA LEU A 146 0.21 16.85 -8.53
C LEU A 146 -0.22 16.53 -7.10
N ASN A 147 -1.37 15.86 -6.98
CA ASN A 147 -1.80 15.32 -5.70
C ASN A 147 -1.26 13.91 -5.59
N LEU A 148 -0.31 13.71 -4.69
CA LEU A 148 0.38 12.44 -4.53
C LEU A 148 -0.04 11.79 -3.22
N ASN A 149 0.15 10.48 -3.13
CA ASN A 149 -0.07 9.74 -1.89
C ASN A 149 1.21 8.98 -1.62
N PRO A 150 2.06 9.45 -0.70
CA PRO A 150 3.35 8.77 -0.50
C PRO A 150 3.21 7.35 0.02
N SER A 151 2.06 6.97 0.57
CA SER A 151 1.84 5.57 0.93
C SER A 151 1.65 4.67 -0.28
N TYR A 152 1.56 5.24 -1.49
CA TYR A 152 1.61 4.46 -2.73
C TYR A 152 3.03 4.28 -3.26
N PHE A 153 4.04 4.82 -2.57
CA PHE A 153 5.44 4.58 -2.95
C PHE A 153 5.86 3.25 -2.33
N ILE A 154 5.49 2.15 -2.98
CA ILE A 154 5.66 0.81 -2.36
C ILE A 154 7.08 0.35 -2.68
N PHE A 155 8.03 0.86 -1.90
CA PHE A 155 9.45 0.63 -2.15
C PHE A 155 9.83 -0.84 -2.30
N PRO A 156 9.36 -1.79 -1.49
CA PRO A 156 9.82 -3.18 -1.69
C PRO A 156 9.29 -3.79 -2.98
N ALA A 157 8.09 -3.39 -3.43
CA ALA A 157 7.60 -3.83 -4.73
C ALA A 157 8.45 -3.27 -5.85
N TRP A 158 8.78 -1.96 -5.78
CA TRP A 158 9.58 -1.35 -6.84
C TRP A 158 10.94 -2.02 -6.97
N ARG A 159 11.55 -2.39 -5.85
CA ARG A 159 12.84 -3.07 -5.92
C ARG A 159 12.69 -4.43 -6.59
N ALA A 160 11.62 -5.16 -6.26
CA ALA A 160 11.35 -6.44 -6.91
C ALA A 160 11.13 -6.26 -8.41
N PHE A 161 10.36 -5.24 -8.80
CA PHE A 161 10.16 -4.98 -10.22
C PHE A 161 11.50 -4.78 -10.93
N ALA A 162 12.36 -3.95 -10.34
CA ALA A 162 13.64 -3.63 -10.98
C ALA A 162 14.51 -4.87 -11.20
N GLU A 163 14.43 -5.84 -10.30
CA GLU A 163 15.21 -7.07 -10.48
C GLU A 163 14.74 -7.89 -11.67
N ARG A 164 13.51 -7.68 -12.12
CA ARG A 164 12.82 -8.44 -13.16
C ARG A 164 12.84 -7.73 -14.51
N THR A 165 12.57 -6.43 -14.53
CA THR A 165 12.33 -5.75 -15.81
C THR A 165 12.46 -4.24 -15.62
N HIS A 166 12.79 -3.56 -16.72
CA HIS A 166 12.90 -2.09 -16.73
C HIS A 166 13.70 -1.60 -15.53
N LEU A 167 14.86 -2.24 -15.30
CA LEU A 167 15.62 -1.97 -14.08
C LEU A 167 15.88 -0.48 -13.90
N THR A 168 16.39 0.19 -14.94
CA THR A 168 16.77 1.59 -14.78
C THR A 168 15.57 2.46 -14.40
N ALA A 169 14.42 2.26 -15.07
CA ALA A 169 13.27 3.11 -14.79
C ALA A 169 12.74 2.89 -13.38
N TRP A 170 12.68 1.63 -12.93
CA TRP A 170 12.18 1.36 -11.58
C TRP A 170 13.17 1.84 -10.52
N ARG A 171 14.46 1.70 -10.80
CA ARG A 171 15.47 2.19 -9.86
C ARG A 171 15.40 3.71 -9.75
N THR A 172 15.22 4.40 -10.87
CA THR A 172 15.07 5.86 -10.82
C THR A 172 13.83 6.25 -10.04
N LEU A 173 12.71 5.54 -10.26
CA LEU A 173 11.49 5.85 -9.51
C LEU A 173 11.71 5.66 -8.02
N GLN A 174 12.42 4.60 -7.65
CA GLN A 174 12.71 4.39 -6.23
C GLN A 174 13.61 5.49 -5.68
N THR A 175 14.66 5.85 -6.42
CA THR A 175 15.53 6.94 -6.00
C THR A 175 14.76 8.24 -5.81
N ASP A 176 13.91 8.58 -6.79
CA ASP A 176 13.16 9.82 -6.74
C ASP A 176 12.11 9.78 -5.63
N GLY A 177 11.50 8.62 -5.40
CA GLY A 177 10.46 8.53 -4.39
C GLY A 177 11.00 8.63 -2.98
N GLN A 178 12.15 7.99 -2.74
CA GLN A 178 12.82 8.18 -1.46
C GLN A 178 13.23 9.64 -1.29
N ALA A 179 13.75 10.27 -2.34
CA ALA A 179 14.17 11.66 -2.22
C ALA A 179 12.97 12.58 -1.93
N LEU A 180 11.85 12.38 -2.63
CA LEU A 180 10.68 13.20 -2.37
C LEU A 180 10.16 12.99 -0.96
N LEU A 181 10.03 11.73 -0.55
CA LEU A 181 9.57 11.44 0.82
C LEU A 181 10.48 12.09 1.85
N GLY A 182 11.80 12.09 1.59
CA GLY A 182 12.74 12.73 2.50
C GLY A 182 12.50 14.21 2.65
N GLN A 183 11.92 14.84 1.64
CA GLN A 183 11.61 16.26 1.68
C GLN A 183 10.26 16.56 2.29
N MET A 184 9.42 15.54 2.50
CA MET A 184 8.10 15.77 3.07
C MET A 184 8.19 15.84 4.59
N GLY A 185 7.15 16.42 5.20
CA GLY A 185 7.03 16.41 6.65
C GLY A 185 6.65 17.78 7.16
N TRP A 186 5.66 17.85 8.06
CA TRP A 186 5.09 19.12 8.49
C TRP A 186 4.85 19.10 9.99
N GLY A 187 4.77 20.30 10.57
CA GLY A 187 4.50 20.44 11.99
C GLY A 187 5.63 19.93 12.86
N LYS A 188 5.31 19.74 14.15
CA LYS A 188 6.32 19.29 15.09
C LYS A 188 6.67 17.81 14.94
N SER A 189 5.80 17.01 14.30
CA SER A 189 6.13 15.61 14.10
C SER A 189 7.01 15.37 12.87
N HIS A 190 7.09 16.35 11.97
CA HIS A 190 7.86 16.23 10.72
C HIS A 190 7.42 15.00 9.94
N LEU A 191 6.13 14.69 9.98
CA LEU A 191 5.61 13.52 9.28
C LEU A 191 4.82 13.94 8.06
N PRO A 192 4.72 13.07 7.06
CA PRO A 192 3.84 13.35 5.90
C PRO A 192 2.39 13.00 6.20
N SER A 193 1.50 13.68 5.47
CA SER A 193 0.07 13.39 5.52
C SER A 193 -0.29 12.28 4.53
N ASP A 194 -1.56 11.84 4.59
CA ASP A 194 -2.06 10.86 3.64
C ASP A 194 -1.86 11.33 2.20
N TRP A 195 -2.18 12.59 1.94
CA TRP A 195 -2.11 13.16 0.60
C TRP A 195 -1.24 14.41 0.63
N VAL A 196 -0.38 14.54 -0.38
CA VAL A 196 0.60 15.61 -0.46
C VAL A 196 0.52 16.25 -1.82
N ALA A 197 0.41 17.58 -1.86
CA ALA A 197 0.43 18.32 -3.11
C ALA A 197 1.87 18.71 -3.45
N LEU A 198 2.32 18.30 -4.64
CA LEU A 198 3.65 18.63 -5.13
C LEU A 198 3.51 19.69 -6.21
N ARG A 199 4.06 20.88 -5.96
CA ARG A 199 4.05 21.93 -6.97
C ARG A 199 5.22 21.72 -7.94
N ALA A 200 5.09 22.33 -9.14
CA ALA A 200 6.04 22.04 -10.20
C ALA A 200 7.45 22.54 -9.92
N ASP A 201 7.63 23.42 -8.92
CA ASP A 201 8.97 23.82 -8.51
C ASP A 201 9.54 22.95 -7.41
N GLY A 202 8.80 21.93 -6.98
CA GLY A 202 9.26 21.05 -5.92
C GLY A 202 8.64 21.33 -4.56
N LYS A 203 7.92 22.43 -4.39
CA LYS A 203 7.35 22.74 -3.09
C LYS A 203 6.23 21.77 -2.76
N MET A 204 6.24 21.21 -1.55
CA MET A 204 5.19 20.29 -1.11
C MET A 204 4.47 20.80 0.12
N LEU A 205 3.20 20.46 0.22
CA LEU A 205 2.35 20.71 1.38
C LEU A 205 1.34 19.60 1.45
N PRO A 206 0.73 19.39 2.62
CA PRO A 206 -0.46 18.52 2.66
C PRO A 206 -1.48 19.00 1.64
N ALA A 207 -2.09 18.05 0.93
CA ALA A 207 -3.00 18.43 -0.15
C ALA A 207 -4.24 19.12 0.39
N LYS A 208 -4.76 20.08 -0.39
CA LYS A 208 -5.89 20.89 0.08
C LYS A 208 -7.14 20.07 0.31
N GLU A 209 -7.33 19.01 -0.46
CA GLU A 209 -8.65 18.41 -0.60
C GLU A 209 -8.97 17.38 0.47
N TRP A 210 -8.02 17.02 1.32
CA TRP A 210 -8.20 15.99 2.33
C TRP A 210 -7.79 16.53 3.69
N PRO A 211 -8.27 15.93 4.78
CA PRO A 211 -7.74 16.26 6.10
C PRO A 211 -6.25 16.03 6.13
N PRO A 212 -5.50 16.99 6.56
CA PRO A 212 -4.02 16.90 6.49
C PRO A 212 -3.46 16.06 7.63
N ARG A 213 -3.90 14.81 7.70
CA ARG A 213 -3.51 13.89 8.76
C ARG A 213 -2.55 12.84 8.20
N MET A 214 -1.54 12.50 9.00
CA MET A 214 -0.93 11.18 9.00
C MET A 214 -1.95 10.23 9.61
N SER A 215 -2.60 9.42 8.77
CA SER A 215 -3.61 8.50 9.30
C SER A 215 -3.57 7.17 8.56
N PHE A 216 -4.71 6.67 8.07
CA PHE A 216 -4.77 5.27 7.67
C PHE A 216 -4.02 4.96 6.37
N ASP A 217 -3.79 5.96 5.52
CA ASP A 217 -2.91 5.75 4.36
C ASP A 217 -1.45 5.86 4.78
N ALA A 218 -1.10 6.99 5.41
CA ALA A 218 0.31 7.32 5.65
C ALA A 218 1.01 6.32 6.54
N ILE A 219 0.27 5.68 7.46
CA ILE A 219 0.87 4.72 8.39
C ILE A 219 1.50 3.54 7.64
N ARG A 220 1.12 3.29 6.39
CA ARG A 220 1.79 2.24 5.63
C ARG A 220 3.20 2.61 5.21
N ILE A 221 3.57 3.90 5.26
CA ILE A 221 4.90 4.31 4.82
C ILE A 221 6.00 3.65 5.64
N PRO A 222 5.97 3.68 6.98
CA PRO A 222 7.02 2.97 7.72
C PRO A 222 6.99 1.48 7.53
N LEU A 223 5.81 0.91 7.29
CA LEU A 223 5.74 -0.48 6.89
C LEU A 223 6.54 -0.73 5.62
N TYR A 224 6.30 0.05 4.57
CA TYR A 224 7.01 -0.21 3.31
C TYR A 224 8.49 0.13 3.45
N LEU A 225 8.84 1.16 4.21
CA LEU A 225 10.24 1.50 4.44
C LEU A 225 10.96 0.38 5.16
N SER A 226 10.38 -0.10 6.26
CA SER A 226 11.01 -1.18 7.00
C SER A 226 11.05 -2.48 6.20
N TRP A 227 10.03 -2.71 5.36
CA TRP A 227 10.01 -3.89 4.50
C TRP A 227 11.20 -3.87 3.54
N ALA A 228 11.47 -2.71 2.94
CA ALA A 228 12.57 -2.59 2.00
C ALA A 228 13.92 -2.48 2.69
N ASP A 229 14.00 -1.72 3.79
CA ASP A 229 15.29 -1.44 4.44
C ASP A 229 15.08 -0.90 5.84
N PRO A 230 15.14 -1.76 6.86
CA PRO A 230 14.96 -1.29 8.25
C PRO A 230 16.00 -0.31 8.70
N GLN A 231 17.12 -0.20 7.99
CA GLN A 231 18.16 0.76 8.33
C GLN A 231 17.97 2.10 7.63
N SER A 232 16.89 2.26 6.87
CA SER A 232 16.68 3.50 6.12
C SER A 232 16.60 4.71 7.03
N ALA A 233 17.32 5.77 6.66
CA ALA A 233 17.21 7.03 7.38
C ALA A 233 15.84 7.67 7.25
N LEU A 234 15.03 7.26 6.27
CA LEU A 234 13.68 7.77 6.14
C LEU A 234 12.78 7.30 7.28
N LEU A 235 13.20 6.28 8.03
CA LEU A 235 12.42 5.85 9.18
C LEU A 235 12.57 6.79 10.37
N ALA A 236 13.53 7.71 10.33
CA ALA A 236 13.84 8.51 11.51
C ALA A 236 12.66 9.29 12.07
N PRO A 237 11.88 10.04 11.29
CA PRO A 237 10.76 10.77 11.91
C PRO A 237 9.68 9.84 12.46
N TRP A 238 9.51 8.67 11.86
CA TRP A 238 8.52 7.71 12.34
C TRP A 238 8.90 7.16 13.69
N LYS A 239 10.16 6.74 13.82
CA LYS A 239 10.65 6.24 15.11
C LYS A 239 10.58 7.33 16.17
N ALA A 240 10.99 8.55 15.82
CA ALA A 240 11.00 9.64 16.80
C ALA A 240 9.60 9.95 17.30
N TRP A 241 8.62 9.98 16.40
CA TRP A 241 7.26 10.31 16.81
C TRP A 241 6.68 9.19 17.67
N MET A 242 6.83 7.93 17.24
CA MET A 242 6.30 6.82 18.01
C MET A 242 7.01 6.68 19.36
N GLN A 243 8.32 6.92 19.39
CA GLN A 243 9.06 6.84 20.65
C GLN A 243 8.60 7.90 21.65
N SER A 244 7.89 8.94 21.21
CA SER A 244 7.45 9.98 22.15
C SER A 244 6.15 9.64 22.86
N TYR A 245 5.57 8.46 22.59
CA TYR A 245 4.33 8.03 23.22
C TYR A 245 4.49 6.67 23.88
N PRO A 246 3.71 6.38 24.92
CA PRO A 246 3.64 5.00 25.42
C PRO A 246 3.11 4.07 24.33
N ARG A 247 3.65 2.86 24.28
CA ARG A 247 3.27 1.89 23.25
C ARG A 247 1.76 1.78 23.10
N LEU A 248 1.04 1.70 24.23
CA LEU A 248 -0.41 1.51 24.21
C LEU A 248 -1.19 2.81 24.21
N GLN A 249 -0.51 3.96 24.18
CA GLN A 249 -1.17 5.26 24.13
C GLN A 249 -0.59 6.11 23.00
N THR A 250 -0.42 5.51 21.83
CA THR A 250 0.06 6.23 20.66
C THR A 250 -1.13 6.68 19.83
N PRO A 251 -1.28 7.97 19.53
CA PRO A 251 -2.46 8.42 18.78
C PRO A 251 -2.57 7.75 17.43
N ALA A 252 -3.80 7.43 17.03
CA ALA A 252 -4.02 6.72 15.77
C ALA A 252 -3.78 7.61 14.56
N TRP A 253 -3.86 8.93 14.71
CA TRP A 253 -3.49 9.85 13.65
C TRP A 253 -2.96 11.13 14.26
N ILE A 254 -2.26 11.92 13.44
CA ILE A 254 -1.89 13.28 13.81
C ILE A 254 -2.14 14.22 12.64
N ASN A 255 -2.73 15.37 12.92
CA ASN A 255 -2.83 16.44 11.93
C ASN A 255 -1.46 17.11 11.84
N VAL A 256 -0.78 16.96 10.70
CA VAL A 256 0.62 17.41 10.64
C VAL A 256 0.70 18.92 10.44
N SER A 257 -0.42 19.57 10.14
CA SER A 257 -0.44 21.03 9.98
C SER A 257 -0.69 21.74 11.30
N THR A 258 -1.57 21.19 12.14
CA THR A 258 -1.93 21.81 13.41
C THR A 258 -1.33 21.11 14.62
N ASN A 259 -0.81 19.90 14.45
CA ASN A 259 -0.25 19.03 15.50
C ASN A 259 -1.32 18.43 16.40
N GLU A 260 -2.60 18.66 16.11
CA GLU A 260 -3.66 17.96 16.83
C GLU A 260 -3.52 16.46 16.61
N VAL A 261 -3.73 15.67 17.67
CA VAL A 261 -3.63 14.22 17.57
C VAL A 261 -4.99 13.59 17.86
N ALA A 262 -5.14 12.35 17.40
CA ALA A 262 -6.34 11.57 17.66
C ALA A 262 -6.50 11.38 19.16
N PRO A 263 -7.73 11.41 19.67
CA PRO A 263 -7.95 11.12 21.10
C PRO A 263 -8.00 9.62 21.39
N TRP A 264 -7.77 8.77 20.41
CA TRP A 264 -7.74 7.34 20.63
C TRP A 264 -6.47 6.78 20.01
N TYR A 265 -6.16 5.54 20.40
CA TYR A 265 -4.81 5.00 20.28
C TYR A 265 -4.72 3.84 19.30
N MET A 266 -3.53 3.68 18.74
CA MET A 266 -3.26 2.55 17.86
C MET A 266 -3.42 1.24 18.60
N ALA A 267 -4.10 0.31 17.94
CA ALA A 267 -4.29 -1.06 18.41
C ALA A 267 -4.20 -1.97 17.19
N GLY A 268 -4.24 -3.28 17.43
CA GLY A 268 -4.35 -4.23 16.34
C GLY A 268 -3.29 -4.01 15.27
N GLY A 269 -3.75 -3.88 14.02
CA GLY A 269 -2.82 -3.72 12.91
C GLY A 269 -2.00 -2.44 12.96
N LEU A 270 -2.62 -1.33 13.38
CA LEU A 270 -1.84 -0.10 13.51
C LEU A 270 -0.73 -0.27 14.54
N LEU A 271 -1.05 -0.91 15.67
CA LEU A 271 -0.05 -1.15 16.69
C LEU A 271 1.06 -2.07 16.18
N ALA A 272 0.71 -3.03 15.32
CA ALA A 272 1.73 -3.89 14.71
C ALA A 272 2.70 -3.10 13.85
N VAL A 273 2.21 -2.09 13.13
CA VAL A 273 3.14 -1.23 12.38
C VAL A 273 4.03 -0.45 13.33
N ARG A 274 3.48 0.04 14.44
CA ARG A 274 4.30 0.73 15.43
C ARG A 274 5.41 -0.18 15.95
N ASP A 275 5.06 -1.43 16.29
CA ASP A 275 6.06 -2.37 16.80
C ASP A 275 7.13 -2.65 15.76
N LEU A 276 6.71 -2.83 14.50
CA LEU A 276 7.67 -3.03 13.41
C LEU A 276 8.60 -1.82 13.29
N THR A 277 8.04 -0.61 13.35
CA THR A 277 8.84 0.58 13.15
C THR A 277 9.91 0.73 14.21
N LEU A 278 9.59 0.39 15.45
CA LEU A 278 10.52 0.54 16.55
C LEU A 278 11.37 -0.71 16.77
N GLY A 279 11.16 -1.75 15.99
CA GLY A 279 11.92 -2.97 16.20
C GLY A 279 11.56 -3.73 17.44
N GLU A 280 10.39 -3.48 18.01
CA GLU A 280 10.00 -4.20 19.20
C GLU A 280 9.59 -5.62 18.83
N PRO A 281 10.15 -6.64 19.49
CA PRO A 281 9.79 -8.02 19.17
C PRO A 281 8.29 -8.26 19.29
N GLN A 282 7.72 -8.91 18.29
CA GLN A 282 6.32 -9.31 18.33
C GLN A 282 6.21 -10.70 17.73
N GLU A 283 5.28 -11.49 18.27
CA GLU A 283 5.07 -12.84 17.78
C GLU A 283 4.13 -12.83 16.58
N ALA A 284 4.01 -14.00 15.94
CA ALA A 284 3.16 -14.14 14.78
C ALA A 284 1.75 -13.62 15.09
N PRO A 285 1.08 -12.99 14.12
CA PRO A 285 -0.20 -12.34 14.44
C PRO A 285 -1.31 -13.34 14.69
N GLN A 286 -2.30 -12.88 15.45
CA GLN A 286 -3.57 -13.56 15.62
C GLN A 286 -4.68 -12.63 15.17
N ILE A 287 -5.65 -13.16 14.44
CA ILE A 287 -6.77 -12.38 13.91
C ILE A 287 -7.92 -12.54 14.91
N ASP A 288 -8.16 -11.52 15.73
CA ASP A 288 -9.28 -11.60 16.65
C ASP A 288 -10.55 -11.03 16.01
N ASP A 289 -11.70 -11.33 16.64
CA ASP A 289 -12.96 -10.79 16.16
C ASP A 289 -13.00 -9.27 16.21
N LYS A 290 -12.17 -8.66 17.05
CA LYS A 290 -12.07 -7.21 17.11
C LYS A 290 -11.25 -6.62 15.96
N ASP A 291 -10.58 -7.43 15.14
CA ASP A 291 -9.93 -6.90 13.94
C ASP A 291 -10.94 -6.71 12.82
N ASP A 292 -10.93 -5.54 12.19
CA ASP A 292 -11.65 -5.37 10.93
C ASP A 292 -10.73 -5.80 9.79
N TYR A 293 -11.21 -5.67 8.54
CA TYR A 293 -10.40 -6.06 7.38
C TYR A 293 -9.05 -5.37 7.41
N TYR A 294 -9.06 -4.07 7.69
CA TYR A 294 -7.85 -3.25 7.63
C TYR A 294 -6.83 -3.70 8.68
N SER A 295 -7.28 -3.91 9.92
CA SER A 295 -6.37 -4.33 10.99
C SER A 295 -5.84 -5.73 10.73
N ALA A 296 -6.72 -6.64 10.33
CA ALA A 296 -6.29 -8.02 10.04
C ALA A 296 -5.24 -8.04 8.93
N SER A 297 -5.42 -7.20 7.91
CA SER A 297 -4.45 -7.17 6.80
C SER A 297 -3.10 -6.65 7.28
N LEU A 298 -3.10 -5.53 8.02
CA LEU A 298 -1.84 -4.95 8.48
C LEU A 298 -1.09 -5.89 9.41
N LYS A 299 -1.81 -6.58 10.30
CA LYS A 299 -1.14 -7.53 11.18
C LYS A 299 -0.32 -8.53 10.39
N GLN A 300 -0.88 -9.04 9.29
CA GLN A 300 -0.18 -10.06 8.54
C GLN A 300 0.88 -9.49 7.62
N LEU A 301 0.66 -8.28 7.10
CA LEU A 301 1.67 -7.63 6.26
C LEU A 301 2.90 -7.28 7.08
N VAL A 302 2.69 -6.87 8.33
CA VAL A 302 3.82 -6.60 9.22
C VAL A 302 4.64 -7.88 9.44
N TRP A 303 3.95 -9.00 9.67
CA TRP A 303 4.65 -10.28 9.83
C TRP A 303 5.43 -10.65 8.58
N LEU A 304 4.80 -10.50 7.41
CA LEU A 304 5.48 -10.76 6.13
C LEU A 304 6.68 -9.86 5.95
N ALA A 305 6.54 -8.57 6.28
CA ALA A 305 7.67 -7.65 6.19
C ALA A 305 8.83 -8.13 7.05
N LYS A 306 8.53 -8.60 8.26
CA LYS A 306 9.58 -9.15 9.12
C LYS A 306 10.21 -10.38 8.48
N GLN A 307 9.38 -11.29 7.95
CA GLN A 307 9.90 -12.51 7.34
C GLN A 307 10.82 -12.20 6.17
N ASP A 308 10.47 -11.20 5.38
CA ASP A 308 11.27 -10.89 4.19
C ASP A 308 12.62 -10.29 4.54
N GLN A 309 12.92 -10.03 5.82
CA GLN A 309 14.26 -9.57 6.19
C GLN A 309 15.28 -10.69 6.20
N ARG A 310 14.85 -11.93 6.02
CA ARG A 310 15.77 -13.06 5.84
C ARG A 310 16.81 -12.77 4.77
#